data_1JA3
#
_entry.id   1JA3
#
_cell.length_a   91.733
_cell.length_b   91.733
_cell.length_c   89.584
_cell.angle_alpha   90.00
_cell.angle_beta   90.00
_cell.angle_gamma   120.00
#
_symmetry.space_group_name_H-M   'H 3'
#
_entity_poly.entity_id   1
_entity_poly.type   'polypeptide(L)'
_entity_poly.pdbx_seq_one_letter_code
;TGRGVKYWFCYGTKCYYFIMNKTTWSGCKANCQHYSVPIVKIEDEDELKFLQRHVIPEGYWIGLSYDKKKKEWAWIDNGP
SKFDMKIRKMNFKSRGCVFLSKARIEDTDCNIPYYCICGKKLDKFPD
;
_entity_poly.pdbx_strand_id   A,B
#
# COMPACT_ATOMS: atom_id res chain seq x y z
N VAL A 5 8.57 -13.98 -12.94
CA VAL A 5 8.45 -12.68 -12.30
C VAL A 5 7.41 -12.72 -11.19
N LYS A 6 7.83 -12.46 -9.95
CA LYS A 6 6.93 -12.50 -8.80
C LYS A 6 7.26 -11.39 -7.81
N TYR A 7 6.71 -10.21 -8.08
CA TYR A 7 6.91 -9.03 -7.22
C TYR A 7 5.66 -8.78 -6.39
N TRP A 8 5.82 -8.05 -5.29
CA TRP A 8 4.68 -7.75 -4.43
C TRP A 8 4.51 -6.28 -4.10
N PHE A 9 3.29 -5.92 -3.72
CA PHE A 9 3.00 -4.55 -3.39
C PHE A 9 1.92 -4.52 -2.32
N CYS A 10 1.75 -3.35 -1.71
CA CYS A 10 0.75 -3.17 -0.66
C CYS A 10 -0.01 -1.88 -0.86
N TYR A 11 -1.34 -1.98 -0.92
CA TYR A 11 -2.19 -0.80 -1.08
C TYR A 11 -3.26 -0.89 -0.02
N GLY A 12 -3.30 0.10 0.88
CA GLY A 12 -4.26 0.10 1.96
C GLY A 12 -3.82 -0.86 3.05
N THR A 13 -4.73 -1.72 3.52
CA THR A 13 -4.38 -2.71 4.53
C THR A 13 -4.10 -4.04 3.89
N LYS A 14 -4.17 -4.07 2.56
CA LYS A 14 -3.89 -5.31 1.87
C LYS A 14 -2.59 -5.28 1.04
N CYS A 15 -1.87 -6.40 1.07
CA CYS A 15 -0.63 -6.55 0.31
C CYS A 15 -0.95 -7.60 -0.72
N TYR A 16 -0.39 -7.42 -1.91
CA TYR A 16 -0.62 -8.33 -3.02
C TYR A 16 0.69 -8.93 -3.49
N TYR A 17 0.57 -9.81 -4.47
CA TYR A 17 1.70 -10.50 -5.05
C TYR A 17 1.29 -10.61 -6.49
N PHE A 18 2.14 -10.22 -7.41
CA PHE A 18 1.73 -10.38 -8.79
C PHE A 18 2.64 -11.39 -9.44
N ILE A 19 2.11 -12.59 -9.69
CA ILE A 19 2.93 -13.61 -10.34
C ILE A 19 2.83 -13.48 -11.85
N MET A 20 4.00 -13.48 -12.48
CA MET A 20 4.10 -13.36 -13.92
C MET A 20 4.50 -14.70 -14.51
N ASN A 21 3.56 -15.63 -14.44
CA ASN A 21 3.77 -16.98 -14.94
C ASN A 21 2.43 -17.39 -15.54
N LYS A 22 2.22 -17.05 -16.80
CA LYS A 22 0.97 -17.35 -17.50
C LYS A 22 0.53 -18.82 -17.45
N THR A 23 -0.28 -19.16 -16.45
CA THR A 23 -0.81 -20.52 -16.26
C THR A 23 -2.32 -20.53 -16.07
N THR A 24 -2.86 -21.74 -15.93
CA THR A 24 -4.29 -21.94 -15.75
C THR A 24 -4.68 -21.41 -14.39
N TRP A 25 -5.86 -20.77 -14.33
CA TRP A 25 -6.38 -20.20 -13.11
C TRP A 25 -6.04 -21.08 -11.90
N SER A 26 -6.21 -22.39 -12.06
CA SER A 26 -5.91 -23.35 -10.99
C SER A 26 -4.42 -23.31 -10.72
N GLY A 27 -3.77 -22.32 -11.34
CA GLY A 27 -2.36 -22.10 -11.22
C GLY A 27 -2.09 -21.24 -10.00
N CYS A 28 -2.92 -20.22 -9.76
CA CYS A 28 -2.70 -19.39 -8.56
C CYS A 28 -2.88 -20.32 -7.40
N LYS A 29 -4.01 -21.04 -7.37
CA LYS A 29 -4.27 -22.00 -6.33
C LYS A 29 -2.88 -22.44 -5.88
N ALA A 30 -2.18 -23.11 -6.79
CA ALA A 30 -0.82 -23.62 -6.56
C ALA A 30 0.19 -22.55 -6.14
N ASN A 31 0.38 -21.54 -7.01
CA ASN A 31 1.33 -20.47 -6.74
C ASN A 31 1.07 -19.73 -5.43
N CYS A 32 -0.08 -19.06 -5.35
CA CYS A 32 -0.42 -18.30 -4.15
C CYS A 32 -0.31 -19.17 -2.90
N GLN A 33 -0.98 -20.32 -2.88
CA GLN A 33 -0.89 -21.20 -1.72
C GLN A 33 0.59 -21.44 -1.50
N HIS A 34 1.33 -21.67 -2.58
CA HIS A 34 2.75 -21.91 -2.49
C HIS A 34 3.40 -20.72 -1.80
N TYR A 35 2.81 -19.54 -1.96
CA TYR A 35 3.38 -18.37 -1.32
C TYR A 35 2.60 -17.96 -0.09
N SER A 36 1.80 -18.89 0.43
CA SER A 36 0.99 -18.71 1.65
C SER A 36 -0.02 -17.54 1.65
N VAL A 37 -0.47 -17.17 0.47
CA VAL A 37 -1.42 -16.09 0.34
C VAL A 37 -2.56 -16.56 -0.54
N PRO A 38 -3.78 -16.28 -0.12
CA PRO A 38 -4.92 -16.71 -0.94
C PRO A 38 -4.87 -16.09 -2.30
N ILE A 39 -5.53 -16.72 -3.27
CA ILE A 39 -5.61 -16.12 -4.59
C ILE A 39 -6.30 -14.81 -4.19
N VAL A 40 -6.17 -13.74 -4.98
CA VAL A 40 -6.76 -12.46 -4.57
C VAL A 40 -8.28 -12.43 -4.49
N LYS A 41 -8.78 -11.53 -3.65
CA LYS A 41 -10.21 -11.39 -3.48
C LYS A 41 -10.54 -9.91 -3.48
N ILE A 42 -10.99 -9.44 -4.63
CA ILE A 42 -11.31 -8.04 -4.85
C ILE A 42 -12.54 -7.58 -4.10
N GLU A 43 -12.31 -7.02 -2.91
CA GLU A 43 -13.37 -6.53 -2.06
C GLU A 43 -14.17 -5.33 -2.61
N ASP A 44 -13.60 -4.55 -3.53
CA ASP A 44 -14.31 -3.39 -4.08
C ASP A 44 -13.54 -2.51 -5.07
N GLU A 45 -14.21 -1.56 -5.71
CA GLU A 45 -13.71 -0.67 -6.74
C GLU A 45 -12.44 0.04 -6.29
N ASP A 46 -12.46 0.71 -5.15
CA ASP A 46 -11.30 1.45 -4.68
C ASP A 46 -10.13 0.51 -4.88
N GLU A 47 -10.27 -0.71 -4.38
CA GLU A 47 -9.24 -1.72 -4.52
C GLU A 47 -9.15 -2.19 -5.96
N LEU A 48 -10.26 -2.68 -6.50
CA LEU A 48 -10.26 -3.16 -7.88
C LEU A 48 -9.48 -2.23 -8.79
N LYS A 49 -9.96 -1.01 -8.95
CA LYS A 49 -9.25 -0.11 -9.82
C LYS A 49 -7.76 -0.16 -9.56
N PHE A 50 -7.35 0.09 -8.31
CA PHE A 50 -5.93 0.04 -7.98
C PHE A 50 -5.20 -1.13 -8.65
N LEU A 51 -5.83 -2.30 -8.66
CA LEU A 51 -5.23 -3.47 -9.29
C LEU A 51 -5.17 -3.24 -10.79
N GLN A 52 -6.29 -2.88 -11.40
CA GLN A 52 -6.29 -2.64 -12.83
C GLN A 52 -5.27 -1.56 -13.18
N ARG A 53 -5.44 -0.37 -12.63
CA ARG A 53 -4.51 0.74 -12.92
C ARG A 53 -3.06 0.33 -12.68
N HIS A 54 -2.78 -0.19 -11.48
CA HIS A 54 -1.43 -0.61 -11.10
C HIS A 54 -0.90 -1.78 -11.93
N VAL A 55 -1.74 -2.78 -12.10
CA VAL A 55 -1.34 -3.94 -12.86
C VAL A 55 -0.91 -3.53 -14.27
N ILE A 56 0.09 -4.23 -14.79
CA ILE A 56 0.57 -3.96 -16.14
C ILE A 56 -0.47 -4.59 -17.07
N PRO A 57 -0.68 -4.00 -18.27
CA PRO A 57 -1.66 -4.51 -19.25
C PRO A 57 -1.53 -5.98 -19.52
N GLU A 58 -2.40 -6.76 -18.88
CA GLU A 58 -2.36 -8.20 -19.07
C GLU A 58 -3.53 -8.92 -18.43
N GLY A 59 -3.69 -10.18 -18.81
CA GLY A 59 -4.76 -10.98 -18.26
C GLY A 59 -4.32 -11.46 -16.89
N TYR A 60 -5.01 -10.98 -15.86
CA TYR A 60 -4.73 -11.35 -14.47
C TYR A 60 -5.89 -12.06 -13.80
N TRP A 61 -5.61 -13.23 -13.23
CA TRP A 61 -6.65 -13.97 -12.54
C TRP A 61 -7.06 -13.23 -11.26
N ILE A 62 -8.13 -13.69 -10.62
CA ILE A 62 -8.63 -13.12 -9.37
C ILE A 62 -9.37 -14.27 -8.71
N GLY A 63 -9.48 -14.25 -7.39
CA GLY A 63 -10.15 -15.35 -6.69
C GLY A 63 -11.54 -15.81 -7.08
N LEU A 64 -12.18 -15.10 -8.01
CA LEU A 64 -13.52 -15.43 -8.44
C LEU A 64 -13.60 -16.67 -9.37
N SER A 65 -14.55 -17.56 -9.10
CA SER A 65 -14.74 -18.77 -9.90
C SER A 65 -16.09 -19.46 -9.67
N TYR A 66 -16.49 -20.27 -10.65
CA TYR A 66 -17.76 -21.01 -10.64
C TYR A 66 -17.71 -22.24 -9.73
N ASP A 67 -18.57 -22.28 -8.72
CA ASP A 67 -18.58 -23.41 -7.79
C ASP A 67 -19.67 -24.45 -8.05
N LYS A 68 -19.48 -25.63 -7.45
CA LYS A 68 -20.39 -26.78 -7.57
C LYS A 68 -21.60 -26.66 -6.67
N LYS A 69 -21.32 -26.75 -5.38
CA LYS A 69 -22.32 -26.68 -4.34
C LYS A 69 -23.13 -25.39 -4.42
N LYS A 70 -23.03 -24.76 -5.58
CA LYS A 70 -23.75 -23.54 -5.85
C LYS A 70 -24.07 -23.58 -7.33
N LYS A 71 -24.55 -22.47 -7.83
CA LYS A 71 -24.88 -22.28 -9.23
C LYS A 71 -24.10 -20.99 -9.41
N GLU A 72 -23.72 -20.44 -8.25
CA GLU A 72 -23.00 -19.18 -8.11
C GLU A 72 -21.50 -19.14 -8.40
N TRP A 73 -20.97 -17.95 -8.17
CA TRP A 73 -19.56 -17.61 -8.34
C TRP A 73 -19.05 -17.05 -7.00
N ALA A 74 -17.95 -17.61 -6.50
CA ALA A 74 -17.37 -17.17 -5.23
C ALA A 74 -15.86 -16.96 -5.36
N TRP A 75 -15.21 -16.62 -4.26
CA TRP A 75 -13.76 -16.38 -4.27
C TRP A 75 -13.05 -17.28 -3.26
N ILE A 76 -13.47 -17.16 -2.01
CA ILE A 76 -12.90 -17.90 -0.91
C ILE A 76 -13.96 -17.79 0.20
N ASP A 77 -14.55 -16.61 0.31
CA ASP A 77 -15.62 -16.29 1.27
C ASP A 77 -16.73 -15.52 0.52
N ASN A 78 -17.09 -14.35 1.02
CA ASN A 78 -18.13 -13.51 0.40
C ASN A 78 -17.99 -12.10 0.99
N GLY A 79 -17.89 -11.09 0.14
CA GLY A 79 -17.74 -9.72 0.62
C GLY A 79 -18.56 -8.66 -0.08
N PRO A 80 -18.27 -7.36 0.16
CA PRO A 80 -18.99 -6.23 -0.45
C PRO A 80 -18.86 -6.27 -1.96
N SER A 81 -19.02 -7.49 -2.44
CA SER A 81 -19.00 -7.85 -3.84
C SER A 81 -20.44 -7.64 -4.17
N LYS A 82 -20.75 -7.70 -5.43
CA LYS A 82 -22.16 -7.49 -5.79
C LYS A 82 -22.43 -7.94 -7.22
N PHE A 83 -21.57 -7.42 -8.07
CA PHE A 83 -21.77 -7.62 -9.47
C PHE A 83 -21.94 -8.93 -10.18
N ASP A 84 -23.22 -9.30 -10.30
CA ASP A 84 -23.61 -10.50 -11.02
C ASP A 84 -23.97 -9.83 -12.33
N MET A 85 -22.99 -9.12 -12.86
CA MET A 85 -23.06 -8.35 -14.11
C MET A 85 -23.07 -9.09 -15.46
N LYS A 86 -22.52 -10.29 -15.51
CA LYS A 86 -22.47 -11.06 -16.77
C LYS A 86 -22.95 -12.48 -16.56
N SER A 94 -22.61 -17.36 -16.69
CA SER A 94 -22.65 -18.77 -17.05
C SER A 94 -21.57 -19.55 -16.31
N ARG A 95 -20.26 -19.53 -16.52
CA ARG A 95 -19.29 -20.45 -15.89
C ARG A 95 -17.82 -20.15 -16.19
N GLY A 96 -16.91 -20.94 -15.62
CA GLY A 96 -15.48 -20.77 -15.84
C GLY A 96 -14.74 -20.06 -14.72
N CYS A 97 -13.96 -19.06 -15.09
CA CYS A 97 -13.20 -18.26 -14.16
C CYS A 97 -13.10 -16.87 -14.73
N VAL A 98 -12.78 -15.89 -13.89
CA VAL A 98 -12.68 -14.52 -14.36
C VAL A 98 -11.27 -13.93 -14.30
N PHE A 99 -10.90 -13.20 -15.35
CA PHE A 99 -9.60 -12.57 -15.40
C PHE A 99 -9.78 -11.08 -15.16
N LEU A 100 -8.65 -10.39 -15.03
CA LEU A 100 -8.64 -8.97 -14.80
C LEU A 100 -7.74 -8.32 -15.84
N SER A 101 -8.24 -7.26 -16.43
CA SER A 101 -7.50 -6.52 -17.43
C SER A 101 -7.58 -5.09 -16.96
N LYS A 102 -6.66 -4.25 -17.43
CA LYS A 102 -6.63 -2.84 -17.04
C LYS A 102 -7.99 -2.21 -17.35
N ALA A 103 -8.80 -2.93 -18.16
CA ALA A 103 -10.13 -2.49 -18.57
C ALA A 103 -11.23 -3.00 -17.67
N ARG A 104 -11.19 -4.30 -17.37
CA ARG A 104 -12.22 -4.89 -16.52
C ARG A 104 -11.93 -6.34 -16.16
N ILE A 105 -12.89 -6.94 -15.47
CA ILE A 105 -12.80 -8.32 -15.08
C ILE A 105 -13.71 -9.00 -16.11
N GLU A 106 -13.71 -10.33 -16.17
CA GLU A 106 -14.55 -11.04 -17.13
C GLU A 106 -14.28 -12.53 -17.04
N ASP A 107 -15.27 -13.37 -17.33
CA ASP A 107 -15.09 -14.81 -17.24
C ASP A 107 -14.51 -15.53 -18.46
N THR A 108 -14.42 -16.86 -18.33
CA THR A 108 -13.93 -17.78 -19.35
C THR A 108 -13.03 -18.88 -18.72
N ASP A 109 -12.69 -19.90 -19.51
CA ASP A 109 -11.87 -21.03 -19.05
C ASP A 109 -10.83 -20.67 -18.06
N CYS A 110 -10.55 -21.64 -17.20
CA CYS A 110 -9.56 -21.47 -16.17
C CYS A 110 -8.27 -22.14 -16.65
N ASN A 111 -8.39 -22.95 -17.70
CA ASN A 111 -7.26 -23.69 -18.25
C ASN A 111 -6.38 -22.78 -19.11
N ILE A 112 -6.69 -21.48 -19.13
CA ILE A 112 -5.95 -20.50 -19.92
C ILE A 112 -4.74 -19.91 -19.25
N PRO A 113 -3.61 -19.85 -19.98
CA PRO A 113 -2.32 -19.32 -19.54
C PRO A 113 -2.39 -17.83 -19.15
N TYR A 114 -2.59 -17.59 -17.85
CA TYR A 114 -2.68 -16.23 -17.32
C TYR A 114 -1.77 -15.93 -16.11
N TYR A 115 -1.93 -14.72 -15.57
CA TYR A 115 -1.13 -14.27 -14.44
C TYR A 115 -1.89 -14.22 -13.11
N CYS A 116 -1.17 -14.35 -12.00
CA CYS A 116 -1.79 -14.34 -10.68
C CYS A 116 -1.64 -13.10 -9.84
N ILE A 117 -2.60 -12.93 -8.95
CA ILE A 117 -2.60 -11.81 -8.06
C ILE A 117 -2.94 -12.30 -6.68
N CYS A 118 -1.97 -12.79 -5.94
CA CYS A 118 -2.28 -13.21 -4.59
C CYS A 118 -2.53 -11.92 -3.77
N GLY A 119 -3.38 -12.00 -2.77
CA GLY A 119 -3.65 -10.80 -1.99
C GLY A 119 -4.13 -11.12 -0.60
N LYS A 120 -3.28 -10.89 0.39
CA LYS A 120 -3.61 -11.12 1.79
C LYS A 120 -4.13 -9.83 2.42
N LYS A 121 -4.68 -9.93 3.63
CA LYS A 121 -5.17 -8.77 4.34
C LYS A 121 -4.14 -8.55 5.41
N LEU A 122 -4.27 -7.46 6.14
CA LEU A 122 -3.34 -7.16 7.20
C LEU A 122 -4.14 -6.92 8.48
N ASP A 123 -3.48 -7.08 9.62
CA ASP A 123 -4.16 -6.88 10.89
C ASP A 123 -3.28 -6.04 11.79
N LYS A 124 -2.06 -5.79 11.35
CA LYS A 124 -1.12 -5.03 12.16
C LYS A 124 -0.44 -3.88 11.44
N PHE A 125 0.82 -4.13 11.13
CA PHE A 125 1.65 -3.17 10.49
C PHE A 125 2.94 -3.96 10.23
N PRO A 126 3.49 -4.63 11.29
CA PRO A 126 4.74 -5.42 11.15
C PRO A 126 4.65 -6.53 10.10
N VAL B 5 -7.17 10.30 16.65
CA VAL B 5 -7.21 9.63 15.29
C VAL B 5 -5.78 9.21 14.89
N LYS B 6 -5.60 7.92 14.60
CA LYS B 6 -4.29 7.39 14.23
C LYS B 6 -4.47 6.18 13.37
N TYR B 7 -4.76 6.37 12.09
CA TYR B 7 -4.91 5.24 11.19
C TYR B 7 -3.54 4.92 10.57
N TRP B 8 -3.46 3.82 9.85
CA TRP B 8 -2.22 3.44 9.18
C TRP B 8 -2.58 3.07 7.77
N PHE B 9 -1.60 3.07 6.88
CA PHE B 9 -1.89 2.72 5.49
C PHE B 9 -0.61 2.24 4.85
N CYS B 10 -0.74 1.42 3.82
CA CYS B 10 0.45 0.93 3.16
C CYS B 10 0.37 1.26 1.68
N TYR B 11 1.54 1.53 1.11
CA TYR B 11 1.69 1.86 -0.30
C TYR B 11 3.05 1.27 -0.64
N GLY B 12 3.18 0.68 -1.81
CA GLY B 12 4.46 0.11 -2.15
C GLY B 12 4.91 -0.80 -1.02
N THR B 13 6.21 -0.89 -0.78
CA THR B 13 6.71 -1.76 0.28
C THR B 13 6.79 -1.14 1.67
N LYS B 14 6.05 -0.07 1.89
CA LYS B 14 6.09 0.58 3.18
C LYS B 14 4.69 0.86 3.68
N CYS B 15 4.57 0.94 4.99
CA CYS B 15 3.30 1.24 5.60
C CYS B 15 3.54 2.52 6.36
N TYR B 16 2.46 3.26 6.59
CA TYR B 16 2.52 4.53 7.28
C TYR B 16 1.55 4.61 8.42
N TYR B 17 1.85 5.51 9.34
CA TYR B 17 1.02 5.76 10.51
C TYR B 17 0.78 7.24 10.56
N PHE B 18 -0.43 7.66 10.20
CA PHE B 18 -0.74 9.09 10.23
C PHE B 18 -1.41 9.48 11.54
N ILE B 19 -0.62 9.94 12.49
CA ILE B 19 -1.17 10.38 13.77
C ILE B 19 -1.84 11.71 13.48
N MET B 20 -3.03 11.93 14.05
CA MET B 20 -3.73 13.18 13.84
C MET B 20 -3.88 13.77 15.22
N ASN B 21 -2.74 14.17 15.76
CA ASN B 21 -2.69 14.75 17.10
C ASN B 21 -1.70 15.93 17.10
N LYS B 22 -2.07 17.01 16.43
CA LYS B 22 -1.24 18.21 16.33
C LYS B 22 -0.37 18.60 17.52
N THR B 23 0.86 18.06 17.56
CA THR B 23 1.85 18.33 18.62
C THR B 23 3.18 18.81 18.03
N THR B 24 4.08 19.24 18.89
CA THR B 24 5.37 19.72 18.41
C THR B 24 6.12 18.55 17.79
N TRP B 25 6.79 18.80 16.66
CA TRP B 25 7.57 17.78 15.96
C TRP B 25 8.00 16.62 16.86
N SER B 26 8.71 16.97 17.92
CA SER B 26 9.22 15.99 18.88
C SER B 26 8.12 15.09 19.38
N GLY B 27 6.92 15.32 18.84
CA GLY B 27 5.75 14.54 19.19
C GLY B 27 5.71 13.25 18.41
N CYS B 28 6.14 13.28 17.15
CA CYS B 28 6.16 12.06 16.35
C CYS B 28 7.03 11.06 17.04
N LYS B 29 8.33 11.35 17.02
CA LYS B 29 9.29 10.47 17.66
C LYS B 29 8.59 9.84 18.85
N ALA B 30 8.21 10.65 19.83
CA ALA B 30 7.52 10.15 21.02
C ALA B 30 6.47 9.06 20.67
N ASN B 31 5.46 9.45 19.88
CA ASN B 31 4.41 8.54 19.45
C ASN B 31 5.07 7.40 18.68
N CYS B 32 5.48 7.71 17.45
CA CYS B 32 6.11 6.75 16.57
C CYS B 32 7.05 5.81 17.32
N GLN B 33 8.09 6.36 17.96
CA GLN B 33 9.03 5.53 18.70
C GLN B 33 8.20 4.60 19.57
N HIS B 34 7.20 5.16 20.25
CA HIS B 34 6.32 4.38 21.11
C HIS B 34 5.56 3.33 20.28
N TYR B 35 4.94 3.78 19.18
CA TYR B 35 4.24 2.88 18.29
C TYR B 35 5.26 2.05 17.53
N SER B 36 6.43 1.85 18.15
CA SER B 36 7.57 1.08 17.63
C SER B 36 7.94 1.24 16.14
N VAL B 37 7.48 2.34 15.55
CA VAL B 37 7.74 2.61 14.15
C VAL B 37 8.38 3.97 13.98
N PRO B 38 9.56 4.01 13.36
CA PRO B 38 10.24 5.31 13.16
C PRO B 38 9.29 6.33 12.59
N ILE B 39 9.64 7.60 12.75
CA ILE B 39 8.85 8.68 12.18
C ILE B 39 9.22 8.58 10.69
N VAL B 40 8.34 9.01 9.79
CA VAL B 40 8.59 8.85 8.35
C VAL B 40 9.90 9.33 7.74
N LYS B 41 10.25 8.73 6.61
CA LYS B 41 11.49 9.04 5.88
C LYS B 41 11.25 9.06 4.37
N ILE B 42 10.70 10.17 3.85
CA ILE B 42 10.41 10.25 2.41
C ILE B 42 11.69 9.91 1.66
N GLU B 43 11.67 8.73 1.07
CA GLU B 43 12.81 8.17 0.36
C GLU B 43 12.87 8.41 -1.14
N ASP B 44 11.77 8.87 -1.73
CA ASP B 44 11.77 9.06 -3.17
C ASP B 44 10.57 9.84 -3.64
N GLU B 45 10.65 10.34 -4.85
CA GLU B 45 9.57 11.11 -5.46
C GLU B 45 8.26 10.34 -5.45
N ASP B 46 8.32 9.09 -5.96
CA ASP B 46 7.16 8.21 -6.02
C ASP B 46 6.40 8.28 -4.70
N GLU B 47 7.15 8.19 -3.60
CA GLU B 47 6.59 8.23 -2.25
C GLU B 47 6.17 9.63 -1.88
N LEU B 48 7.14 10.52 -1.72
CA LEU B 48 6.84 11.90 -1.37
C LEU B 48 5.48 12.30 -1.89
N LYS B 49 5.31 12.24 -3.20
CA LYS B 49 4.04 12.65 -3.75
C LYS B 49 2.90 11.82 -3.18
N PHE B 50 3.11 10.51 -3.06
CA PHE B 50 2.05 9.67 -2.55
C PHE B 50 1.44 10.18 -1.28
N LEU B 51 2.29 10.59 -0.34
CA LEU B 51 1.81 11.09 0.92
C LEU B 51 0.98 12.32 0.69
N GLN B 52 1.51 13.29 -0.03
CA GLN B 52 0.71 14.48 -0.29
C GLN B 52 -0.62 14.05 -0.96
N ARG B 53 -0.55 13.39 -2.11
CA ARG B 53 -1.76 12.98 -2.82
C ARG B 53 -2.69 12.20 -1.90
N HIS B 54 -2.12 11.37 -1.05
CA HIS B 54 -2.94 10.60 -0.11
C HIS B 54 -3.44 11.51 1.00
N VAL B 55 -2.49 11.94 1.82
CA VAL B 55 -2.71 12.83 2.96
C VAL B 55 -3.91 13.78 2.84
N ILE B 56 -4.45 14.16 3.99
CA ILE B 56 -5.56 15.10 4.04
C ILE B 56 -4.89 16.45 4.14
N PRO B 57 -5.38 17.45 3.37
CA PRO B 57 -4.83 18.82 3.35
C PRO B 57 -4.46 19.39 4.74
N GLU B 58 -3.18 19.26 5.10
CA GLU B 58 -2.72 19.73 6.41
C GLU B 58 -1.21 19.72 6.61
N GLY B 59 -0.79 20.22 7.77
CA GLY B 59 0.61 20.28 8.16
C GLY B 59 1.07 18.96 8.76
N TYR B 60 1.87 18.23 7.99
CA TYR B 60 2.38 16.92 8.38
C TYR B 60 3.88 16.86 8.56
N TRP B 61 4.30 16.47 9.76
CA TRP B 61 5.71 16.33 10.07
C TRP B 61 6.29 15.16 9.26
N ILE B 62 7.61 15.03 9.28
CA ILE B 62 8.35 13.95 8.62
C ILE B 62 9.67 13.83 9.38
N GLY B 63 10.41 12.75 9.18
CA GLY B 63 11.66 12.56 9.89
C GLY B 63 12.83 13.50 9.65
N LEU B 64 12.63 14.52 8.82
CA LEU B 64 13.69 15.47 8.52
C LEU B 64 13.82 16.62 9.52
N SER B 65 14.97 16.71 10.17
CA SER B 65 15.22 17.76 11.15
C SER B 65 16.66 18.27 11.12
N TYR B 66 16.92 19.37 11.82
CA TYR B 66 18.26 19.97 11.84
C TYR B 66 19.15 19.45 12.96
N ASP B 67 20.40 19.14 12.63
CA ASP B 67 21.34 18.64 13.64
C ASP B 67 22.45 19.69 13.84
N LYS B 68 23.04 19.70 15.03
CA LYS B 68 24.11 20.64 15.37
C LYS B 68 25.47 19.93 15.22
N LYS B 69 25.51 18.66 15.61
CA LYS B 69 26.74 17.87 15.49
C LYS B 69 26.97 17.64 14.01
N LYS B 70 26.30 18.45 13.21
CA LYS B 70 26.37 18.41 11.76
C LYS B 70 25.81 19.74 11.37
N LYS B 71 26.30 20.33 10.30
CA LYS B 71 25.75 21.61 9.89
C LYS B 71 24.47 21.31 9.12
N GLU B 72 24.33 20.06 8.67
CA GLU B 72 23.18 19.62 7.85
C GLU B 72 21.83 19.26 8.48
N TRP B 73 20.99 18.67 7.61
CA TRP B 73 19.66 18.17 7.93
C TRP B 73 19.69 16.67 7.63
N ALA B 74 18.94 15.88 8.40
CA ALA B 74 18.93 14.45 8.16
C ALA B 74 17.70 13.77 8.71
N TRP B 75 17.45 12.55 8.24
CA TRP B 75 16.33 11.77 8.72
C TRP B 75 16.89 11.00 9.89
N ILE B 76 16.09 10.80 10.92
CA ILE B 76 16.55 10.08 12.09
C ILE B 76 17.39 8.88 11.70
N ASP B 77 17.10 8.32 10.54
CA ASP B 77 17.83 7.16 10.09
C ASP B 77 18.30 7.24 8.64
N ASN B 78 19.60 7.17 8.48
CA ASN B 78 20.25 7.16 7.18
C ASN B 78 21.14 5.93 7.03
N LYS B 82 19.68 8.27 1.48
CA LYS B 82 18.32 8.42 0.96
C LYS B 82 18.32 9.07 -0.42
N PHE B 83 17.47 8.57 -1.28
CA PHE B 83 17.34 9.00 -2.69
C PHE B 83 16.51 10.30 -2.94
N ASP B 84 16.84 11.43 -2.30
CA ASP B 84 16.01 12.64 -2.46
C ASP B 84 16.70 13.79 -1.75
N MET B 85 16.72 15.00 -2.34
CA MET B 85 17.38 16.13 -1.66
C MET B 85 16.96 17.61 -1.71
N LYS B 86 17.57 18.39 -0.85
CA LYS B 86 17.46 19.72 -0.26
C LYS B 86 17.37 20.79 -1.35
N PHE B 92 16.83 24.62 0.72
CA PHE B 92 17.38 25.70 1.55
C PHE B 92 17.38 25.46 3.06
N LYS B 93 18.58 25.33 3.60
CA LYS B 93 18.76 25.07 5.00
C LYS B 93 18.91 26.29 5.95
N SER B 94 18.38 26.17 7.18
CA SER B 94 18.49 27.21 8.22
C SER B 94 18.58 26.71 9.60
N ARG B 95 17.50 26.03 9.96
CA ARG B 95 17.28 25.41 11.26
C ARG B 95 15.80 25.06 11.52
N GLY B 96 15.54 24.19 12.50
CA GLY B 96 14.15 23.86 12.79
C GLY B 96 13.82 22.45 12.41
N CYS B 97 12.66 22.24 11.80
CA CYS B 97 12.24 20.92 11.36
C CYS B 97 11.36 21.13 10.15
N VAL B 98 11.12 20.09 9.36
CA VAL B 98 10.28 20.26 8.18
C VAL B 98 8.87 19.65 8.29
N PHE B 99 7.91 20.31 7.64
CA PHE B 99 6.54 19.83 7.63
C PHE B 99 6.21 19.45 6.21
N LEU B 100 5.29 18.50 6.07
CA LEU B 100 4.85 18.03 4.79
C LEU B 100 3.42 18.48 4.59
N SER B 101 3.13 19.04 3.43
CA SER B 101 1.79 19.50 3.08
C SER B 101 1.45 18.89 1.72
N LYS B 102 0.19 19.02 1.32
CA LYS B 102 -0.28 18.48 0.05
C LYS B 102 0.35 19.23 -1.11
N ALA B 103 1.02 20.34 -0.77
CA ALA B 103 1.70 21.21 -1.75
C ALA B 103 3.20 20.92 -1.82
N ARG B 104 3.84 20.84 -0.64
CA ARG B 104 5.28 20.58 -0.56
C ARG B 104 5.76 20.54 0.89
N ILE B 105 6.97 20.02 1.09
CA ILE B 105 7.55 19.96 2.42
C ILE B 105 8.22 21.33 2.63
N GLU B 106 8.58 21.64 3.88
CA GLU B 106 9.19 22.93 4.17
C GLU B 106 9.51 23.03 5.68
N ASP B 107 10.51 23.82 6.03
CA ASP B 107 10.94 23.94 7.42
C ASP B 107 10.22 24.95 8.33
N THR B 108 10.67 24.95 9.59
CA THR B 108 10.20 25.84 10.66
C THR B 108 10.30 25.14 12.03
N ASP B 109 9.92 25.86 13.08
CA ASP B 109 10.00 25.35 14.45
C ASP B 109 9.48 23.95 14.62
N CYS B 110 10.07 23.27 15.58
CA CYS B 110 9.72 21.91 15.89
C CYS B 110 8.76 21.95 17.07
N ASN B 111 8.61 23.13 17.65
CA ASN B 111 7.74 23.30 18.80
C ASN B 111 6.31 23.62 18.36
N ILE B 112 6.09 23.79 17.04
CA ILE B 112 4.76 24.08 16.49
C ILE B 112 3.88 22.83 16.31
N PRO B 113 2.69 22.81 16.94
CA PRO B 113 1.75 21.69 16.86
C PRO B 113 1.35 21.21 15.46
N TYR B 114 1.68 19.94 15.18
CA TYR B 114 1.39 19.28 13.91
C TYR B 114 1.08 17.76 13.96
N TYR B 115 0.75 17.22 12.78
CA TYR B 115 0.40 15.82 12.61
C TYR B 115 1.59 14.97 12.17
N CYS B 116 1.62 13.70 12.58
CA CYS B 116 2.72 12.84 12.21
C CYS B 116 2.47 11.91 11.07
N ILE B 117 3.55 11.28 10.66
CA ILE B 117 3.48 10.33 9.60
C ILE B 117 4.65 9.43 9.88
N CYS B 118 4.45 8.40 10.67
CA CYS B 118 5.53 7.48 10.89
C CYS B 118 5.54 6.58 9.63
N GLY B 119 6.50 5.66 9.55
CA GLY B 119 6.55 4.77 8.41
C GLY B 119 7.61 3.71 8.59
N LYS B 120 7.20 2.47 8.59
CA LYS B 120 8.10 1.33 8.67
C LYS B 120 8.36 0.72 7.30
N LYS B 121 9.51 0.18 7.08
CA LYS B 121 9.81 -0.44 5.79
C LYS B 121 9.33 -1.89 5.88
N LEU B 122 9.09 -2.52 4.74
CA LEU B 122 8.65 -3.90 4.78
C LEU B 122 9.72 -4.77 4.19
N ASP B 123 9.90 -5.98 4.75
CA ASP B 123 10.90 -6.93 4.28
C ASP B 123 10.25 -8.26 3.92
N LYS B 124 9.00 -8.44 4.33
CA LYS B 124 8.30 -9.69 4.07
C LYS B 124 6.98 -9.52 3.37
N PHE B 125 5.92 -9.85 4.08
CA PHE B 125 4.60 -9.74 3.51
C PHE B 125 3.63 -9.59 4.68
#